data_8TLY
#
_entry.id   8TLY
#
_cell.length_a   57.879
_cell.length_b   62.105
_cell.length_c   136.222
_cell.angle_alpha   90.000
_cell.angle_beta   90.000
_cell.angle_gamma   90.000
#
_symmetry.space_group_name_H-M   'P 21 21 21'
#
loop_
_entity.id
_entity.type
_entity.pdbx_description
1 polymer 'Activating signal cointegrator 1 complex subunit 1'
2 water water
#
_entity_poly.entity_id   1
_entity_poly.type   'polypeptide(L)'
_entity_poly.pdbx_seq_one_letter_code
;MGSSHHHHHHSSGLVPRGSHMTHFLAFFLNEVEVQEGFLRFQEEVLAKCSMDHGVDSSIFQNPKKLHLTIGMLVLLSEEE
IQQTCEMLQQCKEEFINDISGGKPLEVEMAGIEYMNDDPGMVDVLYAKVHMKDGSNRLQELVDRVLERFQASGLIVKEWN
SVKLHATVMNTLFRKDPNAEGRYNLYTAEGKYIFKERESFDGRNILKLFENFYFGSLKLNSIHISQRFTVDSFGNYASCG
QIDFS
;
_entity_poly.pdbx_strand_id   A,B
#
# COMPACT_ATOMS: atom_id res chain seq x y z
N GLY A 18 -21.89 -4.96 -12.83
CA GLY A 18 -20.61 -5.63 -12.99
C GLY A 18 -19.48 -4.88 -12.31
N SER A 19 -18.24 -5.24 -12.65
CA SER A 19 -17.07 -4.55 -12.10
C SER A 19 -15.96 -4.42 -13.15
N HIS A 20 -16.30 -4.48 -14.44
CA HIS A 20 -15.33 -4.31 -15.51
C HIS A 20 -15.20 -2.81 -15.81
N MET A 21 -14.20 -2.17 -15.19
CA MET A 21 -13.98 -0.74 -15.39
C MET A 21 -13.98 -0.38 -16.87
N THR A 22 -14.96 0.43 -17.27
CA THR A 22 -15.03 0.93 -18.65
C THR A 22 -14.31 2.27 -18.79
N HIS A 23 -14.53 3.19 -17.85
CA HIS A 23 -13.87 4.48 -17.81
C HIS A 23 -13.29 4.69 -16.41
N PHE A 24 -12.37 5.65 -16.31
CA PHE A 24 -11.81 6.02 -15.01
C PHE A 24 -11.61 7.53 -14.95
N LEU A 25 -11.66 8.07 -13.74
CA LEU A 25 -11.48 9.49 -13.47
C LEU A 25 -10.03 9.73 -13.07
N ALA A 26 -9.40 10.71 -13.70
CA ALA A 26 -7.97 10.90 -13.50
C ALA A 26 -7.58 12.34 -13.75
N PHE A 27 -6.49 12.76 -13.09
CA PHE A 27 -5.78 13.98 -13.44
C PHE A 27 -4.72 13.63 -14.48
N PHE A 28 -4.71 14.35 -15.60
CA PHE A 28 -3.64 14.19 -16.57
C PHE A 28 -2.40 14.94 -16.08
N LEU A 29 -1.29 14.22 -15.92
CA LEU A 29 -0.07 14.77 -15.33
C LEU A 29 1.07 14.87 -16.34
N ASN A 30 0.74 15.05 -17.61
CA ASN A 30 1.75 15.00 -18.68
C ASN A 30 2.13 16.38 -19.19
N GLU A 31 2.42 17.33 -18.29
CA GLU A 31 3.04 18.57 -18.73
C GLU A 31 4.43 18.29 -19.28
N VAL A 32 4.88 19.14 -20.20
CA VAL A 32 6.19 18.93 -20.81
C VAL A 32 7.28 18.96 -19.75
N GLU A 33 7.09 19.74 -18.69
CA GLU A 33 8.08 19.79 -17.61
C GLU A 33 8.14 18.46 -16.88
N VAL A 34 6.98 17.90 -16.53
CA VAL A 34 6.96 16.66 -15.76
C VAL A 34 7.42 15.48 -16.60
N GLN A 35 7.01 15.44 -17.87
CA GLN A 35 7.47 14.38 -18.76
C GLN A 35 9.00 14.37 -18.84
N GLU A 36 9.61 15.55 -18.95
CA GLU A 36 11.06 15.63 -19.08
C GLU A 36 11.75 15.22 -17.78
N GLY A 37 11.19 15.62 -16.64
CA GLY A 37 11.69 15.09 -15.38
C GLY A 37 11.55 13.58 -15.30
N PHE A 38 10.46 13.04 -15.84
CA PHE A 38 10.30 11.60 -15.88
C PHE A 38 11.31 10.94 -16.82
N LEU A 39 11.48 11.51 -18.03
CA LEU A 39 12.47 10.97 -18.95
C LEU A 39 13.87 11.05 -18.38
N ARG A 40 14.22 12.19 -17.78
CA ARG A 40 15.47 12.29 -17.02
C ARG A 40 15.56 11.16 -16.00
N PHE A 41 14.46 10.92 -15.27
CA PHE A 41 14.45 9.84 -14.29
C PHE A 41 14.70 8.49 -14.94
N GLN A 42 14.08 8.23 -16.09
CA GLN A 42 14.19 6.92 -16.72
C GLN A 42 15.64 6.62 -17.12
N GLU A 43 16.31 7.58 -17.75
CA GLU A 43 17.65 7.32 -18.28
C GLU A 43 18.67 7.17 -17.16
N GLU A 44 18.53 7.94 -16.08
CA GLU A 44 19.45 7.79 -14.97
C GLU A 44 19.26 6.43 -14.30
N VAL A 45 18.01 5.99 -14.13
CA VAL A 45 17.76 4.67 -13.59
C VAL A 45 18.37 3.60 -14.50
N LEU A 46 18.18 3.74 -15.81
CA LEU A 46 18.71 2.76 -16.74
C LEU A 46 20.23 2.84 -16.86
N ALA A 47 20.84 3.93 -16.42
CA ALA A 47 22.29 4.05 -16.47
C ALA A 47 22.95 3.43 -15.24
N LYS A 48 22.35 3.64 -14.07
CA LYS A 48 22.96 3.23 -12.81
C LYS A 48 22.32 1.99 -12.21
N CYS A 49 21.30 1.41 -12.86
CA CYS A 49 20.58 0.29 -12.28
C CYS A 49 20.16 -0.77 -13.30
N SER A 50 20.64 -0.69 -14.55
CA SER A 50 20.16 -1.62 -15.57
C SER A 50 20.54 -3.06 -15.24
N MET A 51 21.72 -3.27 -14.66
CA MET A 51 22.13 -4.64 -14.32
C MET A 51 21.25 -5.24 -13.23
N ASP A 52 20.51 -4.43 -12.48
CA ASP A 52 19.59 -4.97 -11.49
C ASP A 52 18.52 -5.80 -12.16
N HIS A 53 17.99 -6.77 -11.42
CA HIS A 53 17.09 -7.75 -12.00
C HIS A 53 15.85 -7.08 -12.58
N GLY A 54 15.42 -7.58 -13.74
CA GLY A 54 14.16 -7.19 -14.32
C GLY A 54 14.01 -5.71 -14.63
N VAL A 55 15.09 -4.96 -14.55
CA VAL A 55 15.07 -3.52 -14.76
C VAL A 55 15.48 -3.24 -16.19
N ASP A 56 14.53 -2.81 -17.01
CA ASP A 56 14.79 -2.30 -18.35
C ASP A 56 13.72 -1.26 -18.68
N SER A 57 13.69 -0.81 -19.93
CA SER A 57 12.83 0.31 -20.29
C SER A 57 11.39 -0.11 -20.56
N SER A 58 11.13 -1.39 -20.83
CA SER A 58 9.78 -1.82 -21.16
C SER A 58 8.83 -1.72 -19.98
N ILE A 59 9.35 -1.66 -18.74
CA ILE A 59 8.50 -1.55 -17.57
C ILE A 59 8.25 -0.10 -17.15
N PHE A 60 8.79 0.87 -17.89
CA PHE A 60 8.57 2.27 -17.58
C PHE A 60 7.26 2.77 -18.20
N GLN A 61 6.66 3.76 -17.55
CA GLN A 61 5.44 4.36 -18.06
C GLN A 61 5.72 5.14 -19.34
N ASN A 62 4.71 5.23 -20.19
CA ASN A 62 4.75 6.13 -21.35
C ASN A 62 4.65 7.56 -20.84
N PRO A 63 5.66 8.41 -21.04
CA PRO A 63 5.62 9.76 -20.44
C PRO A 63 4.40 10.55 -20.80
N LYS A 64 3.71 10.19 -21.88
CA LYS A 64 2.51 10.88 -22.30
C LYS A 64 1.26 10.38 -21.57
N LYS A 65 1.37 9.33 -20.78
CA LYS A 65 0.24 8.79 -20.03
C LYS A 65 0.40 8.95 -18.51
N LEU A 66 1.39 9.72 -18.06
CA LEU A 66 1.52 10.00 -16.64
C LEU A 66 0.22 10.58 -16.11
N HIS A 67 -0.35 9.93 -15.10
CA HIS A 67 -1.62 10.39 -14.56
C HIS A 67 -1.80 9.86 -13.15
N LEU A 68 -2.76 10.48 -12.44
CA LEU A 68 -3.17 10.09 -11.10
C LEU A 68 -4.62 9.64 -11.18
N THR A 69 -4.87 8.35 -11.01
CA THR A 69 -6.23 7.83 -11.09
C THR A 69 -6.92 7.96 -9.74
N ILE A 70 -8.15 8.46 -9.75
CA ILE A 70 -8.91 8.66 -8.52
C ILE A 70 -10.10 7.70 -8.42
N GLY A 71 -10.62 7.19 -9.54
CA GLY A 71 -11.78 6.33 -9.46
C GLY A 71 -12.05 5.50 -10.69
N MET A 72 -12.53 4.27 -10.48
CA MET A 72 -12.90 3.37 -11.56
C MET A 72 -14.41 3.39 -11.74
N LEU A 73 -14.87 3.53 -12.98
CA LEU A 73 -16.27 3.64 -13.31
C LEU A 73 -16.70 2.49 -14.22
N VAL A 74 -18.01 2.21 -14.18
CA VAL A 74 -18.64 1.28 -15.12
C VAL A 74 -19.75 2.05 -15.81
N LEU A 75 -19.49 2.50 -17.03
CA LEU A 75 -20.46 3.22 -17.84
C LEU A 75 -20.89 2.33 -19.01
N LEU A 76 -22.20 2.24 -19.23
CA LEU A 76 -22.77 1.30 -20.17
C LEU A 76 -23.56 1.95 -21.29
N SER A 77 -23.97 3.20 -21.16
CA SER A 77 -24.79 3.87 -22.15
C SER A 77 -24.25 5.27 -22.42
N GLU A 78 -24.66 5.82 -23.55
CA GLU A 78 -24.36 7.22 -23.84
C GLU A 78 -24.90 8.13 -22.73
N GLU A 79 -26.04 7.77 -22.15
CA GLU A 79 -26.62 8.60 -21.09
C GLU A 79 -25.77 8.56 -19.83
N GLU A 80 -25.17 7.41 -19.52
CA GLU A 80 -24.38 7.31 -18.30
C GLU A 80 -23.12 8.16 -18.37
N ILE A 81 -22.56 8.35 -19.56
CA ILE A 81 -21.46 9.29 -19.72
C ILE A 81 -21.90 10.71 -19.33
N GLN A 82 -22.93 11.21 -20.02
CA GLN A 82 -23.43 12.54 -19.73
C GLN A 82 -23.88 12.67 -18.28
N GLN A 83 -24.40 11.58 -17.71
CA GLN A 83 -24.73 11.59 -16.28
C GLN A 83 -23.49 11.84 -15.44
N THR A 84 -22.37 11.22 -15.80
CA THR A 84 -21.13 11.44 -15.07
C THR A 84 -20.66 12.88 -15.19
N CYS A 85 -20.69 13.43 -16.42
CA CYS A 85 -20.33 14.83 -16.60
C CYS A 85 -21.25 15.73 -15.78
N GLU A 86 -22.56 15.51 -15.87
CA GLU A 86 -23.47 16.26 -15.02
C GLU A 86 -23.14 16.08 -13.55
N MET A 87 -22.64 14.90 -13.18
CA MET A 87 -22.37 14.59 -11.77
C MET A 87 -21.05 15.19 -11.31
N LEU A 88 -20.06 15.30 -12.20
CA LEU A 88 -18.83 15.99 -11.84
C LEU A 88 -19.08 17.48 -11.61
N GLN A 89 -19.97 18.08 -12.41
CA GLN A 89 -20.30 19.49 -12.21
C GLN A 89 -20.92 19.71 -10.83
N GLN A 90 -21.72 18.75 -10.36
CA GLN A 90 -22.27 18.86 -9.02
C GLN A 90 -21.16 18.90 -7.97
N CYS A 91 -20.08 18.16 -8.20
CA CYS A 91 -18.92 18.24 -7.30
C CYS A 91 -18.32 19.64 -7.31
N LYS A 92 -18.26 20.27 -8.49
CA LYS A 92 -17.69 21.60 -8.59
C LYS A 92 -18.42 22.60 -7.70
N GLU A 93 -19.74 22.49 -7.64
CA GLU A 93 -20.53 23.46 -6.86
C GLU A 93 -20.55 23.10 -5.38
N GLU A 94 -20.62 21.81 -5.05
CA GLU A 94 -20.80 21.41 -3.66
C GLU A 94 -19.52 21.63 -2.85
N PHE A 95 -18.35 21.25 -3.39
CA PHE A 95 -17.14 21.31 -2.59
C PHE A 95 -15.87 21.71 -3.35
N ILE A 96 -15.74 21.44 -4.65
CA ILE A 96 -14.47 21.72 -5.31
C ILE A 96 -14.20 23.21 -5.36
N ASN A 97 -15.25 24.04 -5.51
CA ASN A 97 -15.04 25.48 -5.57
C ASN A 97 -14.51 26.02 -4.25
N ASP A 98 -14.99 25.49 -3.13
CA ASP A 98 -14.46 25.90 -1.83
C ASP A 98 -13.00 25.51 -1.70
N ILE A 99 -12.65 24.29 -2.11
CA ILE A 99 -11.28 23.80 -1.96
C ILE A 99 -10.35 24.52 -2.92
N SER A 100 -10.79 24.70 -4.17
CA SER A 100 -9.93 25.33 -5.17
C SER A 100 -9.88 26.84 -5.00
N GLY A 101 -10.99 27.46 -4.61
CA GLY A 101 -11.06 28.90 -4.54
C GLY A 101 -11.06 29.58 -5.90
N GLY A 102 -11.54 28.88 -6.93
CA GLY A 102 -11.49 29.41 -8.28
C GLY A 102 -10.12 29.40 -8.91
N LYS A 103 -9.09 28.95 -8.20
CA LYS A 103 -7.75 28.87 -8.73
C LYS A 103 -7.27 27.43 -8.71
N PRO A 104 -6.29 27.08 -9.57
CA PRO A 104 -5.83 25.68 -9.62
C PRO A 104 -5.14 25.23 -8.34
N LEU A 105 -4.72 23.96 -8.32
CA LEU A 105 -3.95 23.40 -7.22
C LEU A 105 -2.50 23.26 -7.68
N GLU A 106 -1.63 24.13 -7.19
CA GLU A 106 -0.20 23.99 -7.46
C GLU A 106 0.34 22.79 -6.71
N VAL A 107 0.84 21.79 -7.44
CA VAL A 107 1.29 20.54 -6.85
C VAL A 107 2.69 20.22 -7.39
N GLU A 108 3.35 19.28 -6.72
CA GLU A 108 4.65 18.79 -7.13
C GLU A 108 4.62 17.27 -7.22
N MET A 109 5.30 16.74 -8.24
CA MET A 109 5.51 15.30 -8.40
C MET A 109 6.96 15.02 -8.01
N ALA A 110 7.16 14.58 -6.76
CA ALA A 110 8.49 14.43 -6.20
C ALA A 110 8.51 13.23 -5.27
N GLY A 111 9.48 12.37 -5.46
CA GLY A 111 9.65 11.21 -4.60
C GLY A 111 8.99 9.97 -5.18
N ILE A 112 9.53 8.81 -4.81
CA ILE A 112 9.03 7.53 -5.30
C ILE A 112 8.67 6.65 -4.11
N GLU A 113 7.86 5.63 -4.39
CA GLU A 113 7.37 4.76 -3.33
C GLU A 113 6.85 3.46 -3.93
N TYR A 114 6.85 2.42 -3.10
CA TYR A 114 6.26 1.13 -3.44
C TYR A 114 5.36 0.70 -2.29
N MET A 115 4.42 -0.19 -2.59
CA MET A 115 3.35 -0.51 -1.67
C MET A 115 3.55 -1.83 -0.93
N ASN A 116 4.46 -2.69 -1.40
CA ASN A 116 4.69 -3.98 -0.76
C ASN A 116 5.82 -3.84 0.27
N ASP A 117 6.30 -4.96 0.79
CA ASP A 117 7.24 -4.97 1.90
C ASP A 117 8.68 -5.33 1.50
N ASP A 118 8.89 -5.85 0.30
CA ASP A 118 10.23 -6.26 -0.13
C ASP A 118 10.70 -5.37 -1.27
N PRO A 119 11.60 -4.40 -1.03
CA PRO A 119 12.08 -3.56 -2.14
C PRO A 119 12.84 -4.34 -3.22
N GLY A 120 13.17 -5.61 -2.99
CA GLY A 120 13.78 -6.43 -4.01
C GLY A 120 12.82 -7.08 -4.96
N MET A 121 11.52 -7.05 -4.64
CA MET A 121 10.48 -7.62 -5.49
C MET A 121 9.36 -6.58 -5.65
N VAL A 122 9.65 -5.53 -6.42
CA VAL A 122 8.69 -4.48 -6.68
C VAL A 122 7.93 -4.80 -7.96
N ASP A 123 6.61 -4.76 -7.88
CA ASP A 123 5.77 -4.94 -9.07
C ASP A 123 5.41 -3.60 -9.70
N VAL A 124 5.16 -2.58 -8.88
CA VAL A 124 4.78 -1.25 -9.37
C VAL A 124 5.53 -0.21 -8.55
N LEU A 125 6.00 0.84 -9.22
CA LEU A 125 6.63 1.99 -8.58
C LEU A 125 5.83 3.23 -8.93
N TYR A 126 5.69 4.13 -7.96
CA TYR A 126 4.88 5.34 -8.13
C TYR A 126 5.71 6.56 -7.78
N ALA A 127 5.30 7.70 -8.32
CA ALA A 127 5.86 9.00 -7.96
C ALA A 127 4.85 9.74 -7.10
N LYS A 128 5.30 10.26 -5.96
CA LYS A 128 4.40 10.92 -5.03
C LYS A 128 3.93 12.26 -5.59
N VAL A 129 2.69 12.62 -5.28
CA VAL A 129 2.09 13.88 -5.69
C VAL A 129 1.56 14.56 -4.43
N HIS A 130 2.06 15.77 -4.16
CA HIS A 130 1.67 16.50 -2.96
C HIS A 130 1.50 17.97 -3.28
N MET A 131 0.64 18.62 -2.51
CA MET A 131 0.40 20.05 -2.68
C MET A 131 1.69 20.83 -2.44
N LYS A 132 1.96 21.80 -3.32
CA LYS A 132 3.16 22.62 -3.14
C LYS A 132 3.10 23.43 -1.86
N ASP A 133 1.91 23.94 -1.51
CA ASP A 133 1.73 24.67 -0.26
C ASP A 133 1.70 23.75 0.96
N GLY A 134 2.00 22.46 0.77
CA GLY A 134 2.05 21.53 1.88
C GLY A 134 0.73 21.24 2.55
N SER A 135 -0.38 21.63 1.95
CA SER A 135 -1.68 21.49 2.59
C SER A 135 -2.28 20.11 2.30
N ASN A 136 -3.55 19.95 2.66
CA ASN A 136 -4.26 18.69 2.52
C ASN A 136 -5.41 18.80 1.51
N ARG A 137 -5.46 19.89 0.75
CA ARG A 137 -6.63 20.16 -0.09
C ARG A 137 -6.78 19.11 -1.19
N LEU A 138 -5.67 18.61 -1.74
CA LEU A 138 -5.77 17.65 -2.83
C LEU A 138 -6.45 16.36 -2.38
N GLN A 139 -6.11 15.86 -1.20
CA GLN A 139 -6.70 14.61 -0.72
C GLN A 139 -8.20 14.75 -0.52
N GLU A 140 -8.64 15.86 0.08
CA GLU A 140 -10.07 16.03 0.34
C GLU A 140 -10.86 16.18 -0.94
N LEU A 141 -10.21 16.69 -2.00
CA LEU A 141 -10.89 16.85 -3.28
C LEU A 141 -11.26 15.50 -3.86
N VAL A 142 -10.28 14.60 -3.99
CA VAL A 142 -10.56 13.30 -4.59
C VAL A 142 -11.41 12.44 -3.66
N ASP A 143 -11.31 12.66 -2.35
CA ASP A 143 -12.11 11.88 -1.41
C ASP A 143 -13.58 12.26 -1.50
N ARG A 144 -13.88 13.57 -1.48
CA ARG A 144 -15.27 13.99 -1.62
C ARG A 144 -15.84 13.62 -2.98
N VAL A 145 -15.00 13.62 -4.02
CA VAL A 145 -15.47 13.23 -5.34
C VAL A 145 -15.92 11.79 -5.34
N LEU A 146 -15.16 10.91 -4.68
CA LEU A 146 -15.53 9.50 -4.63
C LEU A 146 -16.86 9.30 -3.92
N GLU A 147 -17.08 10.02 -2.81
CA GLU A 147 -18.36 9.94 -2.12
C GLU A 147 -19.51 10.27 -3.07
N ARG A 148 -19.41 11.41 -3.76
CA ARG A 148 -20.49 11.83 -4.65
C ARG A 148 -20.80 10.77 -5.70
N PHE A 149 -19.83 9.91 -6.02
CA PHE A 149 -20.05 8.85 -7.01
C PHE A 149 -20.47 7.53 -6.38
N GLN A 150 -20.14 7.29 -5.12
CA GLN A 150 -20.61 6.06 -4.46
C GLN A 150 -22.13 6.01 -4.42
N ALA A 151 -22.78 7.18 -4.34
CA ALA A 151 -24.24 7.22 -4.32
C ALA A 151 -24.85 6.82 -5.65
N SER A 152 -24.10 6.92 -6.74
CA SER A 152 -24.64 6.68 -8.08
C SER A 152 -24.52 5.23 -8.54
N GLY A 153 -23.77 4.40 -7.84
CA GLY A 153 -23.58 3.03 -8.29
C GLY A 153 -22.90 2.91 -9.63
N LEU A 154 -22.15 3.93 -10.04
CA LEU A 154 -21.34 3.87 -11.25
C LEU A 154 -19.87 3.60 -10.97
N ILE A 155 -19.47 3.60 -9.70
CA ILE A 155 -18.07 3.43 -9.31
C ILE A 155 -17.88 2.02 -8.78
N VAL A 156 -16.70 1.45 -9.04
CA VAL A 156 -16.35 0.14 -8.50
C VAL A 156 -15.89 0.29 -7.05
N LYS A 157 -16.31 -0.64 -6.20
CA LYS A 157 -15.93 -0.59 -4.79
C LYS A 157 -14.42 -0.64 -4.64
N GLU A 158 -13.87 0.34 -3.94
CA GLU A 158 -12.44 0.42 -3.66
C GLU A 158 -12.22 0.14 -2.18
N TRP A 159 -11.49 -0.93 -1.88
CA TRP A 159 -11.25 -1.30 -0.49
C TRP A 159 -10.28 -0.32 0.17
N ASN A 160 -9.10 -0.14 -0.42
CA ASN A 160 -8.11 0.80 0.11
C ASN A 160 -8.53 2.23 -0.21
N SER A 161 -7.73 3.18 0.27
CA SER A 161 -7.95 4.59 -0.03
C SER A 161 -7.23 4.97 -1.33
N VAL A 162 -7.73 6.03 -1.96
CA VAL A 162 -7.07 6.59 -3.13
C VAL A 162 -5.74 7.18 -2.70
N LYS A 163 -4.65 6.66 -3.26
CA LYS A 163 -3.32 7.18 -2.97
C LYS A 163 -2.97 8.25 -4.00
N LEU A 164 -2.45 9.38 -3.52
CA LEU A 164 -2.09 10.49 -4.39
C LEU A 164 -0.70 10.23 -4.99
N HIS A 165 -0.66 9.36 -5.99
CA HIS A 165 0.59 9.05 -6.67
C HIS A 165 0.31 8.64 -8.10
N ALA A 166 1.37 8.65 -8.91
CA ALA A 166 1.29 8.29 -10.32
C ALA A 166 2.27 7.17 -10.63
N THR A 167 1.83 6.23 -11.46
CA THR A 167 2.69 5.12 -11.85
C THR A 167 3.85 5.62 -12.70
N VAL A 168 5.04 5.05 -12.47
CA VAL A 168 6.21 5.39 -13.29
C VAL A 168 6.86 4.12 -13.81
N MET A 169 6.73 3.02 -13.06
CA MET A 169 7.22 1.72 -13.50
C MET A 169 6.20 0.66 -13.14
N ASN A 170 6.00 -0.29 -14.06
CA ASN A 170 5.06 -1.38 -13.85
C ASN A 170 5.48 -2.55 -14.73
N THR A 171 5.75 -3.70 -14.11
CA THR A 171 6.17 -4.88 -14.88
C THR A 171 5.09 -5.34 -15.86
N LEU A 172 3.83 -4.96 -15.63
CA LEU A 172 2.79 -5.32 -16.57
C LEU A 172 2.98 -4.62 -17.91
N PHE A 173 3.56 -3.41 -17.90
CA PHE A 173 3.81 -2.69 -19.15
C PHE A 173 4.69 -3.50 -20.10
N ARG A 174 5.50 -4.42 -19.58
CA ARG A 174 6.26 -5.32 -20.44
C ARG A 174 5.32 -6.14 -21.32
N LYS A 175 4.19 -6.58 -20.75
CA LYS A 175 3.23 -7.40 -21.47
C LYS A 175 2.05 -6.63 -22.01
N ASP A 176 1.66 -5.54 -21.37
CA ASP A 176 0.45 -4.80 -21.73
C ASP A 176 0.66 -3.33 -21.41
N PRO A 177 1.14 -2.55 -22.37
CA PRO A 177 1.42 -1.14 -22.08
C PRO A 177 0.17 -0.32 -21.80
N ASN A 178 -1.02 -0.83 -22.13
CA ASN A 178 -2.28 -0.15 -21.86
C ASN A 178 -2.92 -0.59 -20.55
N ALA A 179 -2.13 -1.18 -19.65
CA ALA A 179 -2.66 -1.66 -18.39
C ALA A 179 -3.00 -0.49 -17.47
N GLU A 180 -4.04 -0.69 -16.67
CA GLU A 180 -4.45 0.27 -15.63
C GLU A 180 -4.65 -0.55 -14.36
N GLY A 181 -3.56 -0.76 -13.63
CA GLY A 181 -3.62 -1.52 -12.39
C GLY A 181 -4.26 -2.88 -12.60
N ARG A 182 -5.26 -3.18 -11.77
CA ARG A 182 -5.96 -4.46 -11.82
C ARG A 182 -6.66 -4.72 -13.15
N TYR A 183 -6.75 -3.74 -14.05
CA TYR A 183 -7.46 -3.88 -15.31
C TYR A 183 -6.44 -4.01 -16.44
N ASN A 184 -6.21 -5.23 -16.89
CA ASN A 184 -5.17 -5.53 -17.87
C ASN A 184 -5.58 -6.75 -18.69
N LEU A 185 -4.61 -7.32 -19.41
CA LEU A 185 -4.89 -8.40 -20.35
C LEU A 185 -5.29 -9.69 -19.65
N TYR A 186 -4.91 -9.88 -18.38
CA TYR A 186 -5.23 -11.09 -17.64
C TYR A 186 -6.54 -10.99 -16.89
N THR A 187 -7.15 -9.80 -16.83
CA THR A 187 -8.38 -9.59 -16.08
C THR A 187 -9.50 -8.99 -16.90
N ALA A 188 -9.27 -8.71 -18.18
CA ALA A 188 -10.26 -8.03 -19.00
C ALA A 188 -11.60 -8.73 -18.97
N GLU A 189 -12.65 -7.97 -18.66
CA GLU A 189 -14.02 -8.46 -18.68
C GLU A 189 -14.23 -9.62 -17.71
N GLY A 190 -14.35 -10.85 -18.23
CA GLY A 190 -14.85 -11.95 -17.43
C GLY A 190 -13.88 -13.09 -17.21
N LYS A 191 -12.88 -13.21 -18.07
CA LYS A 191 -11.93 -14.33 -18.00
C LYS A 191 -10.78 -13.92 -17.09
N TYR A 192 -10.99 -14.08 -15.79
CA TYR A 192 -9.93 -13.79 -14.83
C TYR A 192 -8.87 -14.89 -14.90
N ILE A 193 -7.65 -14.51 -15.24
CA ILE A 193 -6.55 -15.44 -15.43
C ILE A 193 -5.45 -15.12 -14.43
N PHE A 194 -4.95 -16.15 -13.74
CA PHE A 194 -3.98 -15.97 -12.67
C PHE A 194 -2.58 -16.24 -13.21
N LYS A 195 -1.97 -15.21 -13.79
CA LYS A 195 -0.57 -15.22 -14.14
C LYS A 195 0.19 -14.46 -13.05
N GLU A 196 1.04 -15.16 -12.32
CA GLU A 196 1.74 -14.55 -11.19
C GLU A 196 2.66 -13.45 -11.71
N ARG A 197 2.48 -12.24 -11.20
CA ARG A 197 3.18 -11.08 -11.74
C ARG A 197 4.68 -11.16 -11.46
N GLU A 198 5.47 -10.71 -12.43
CA GLU A 198 6.92 -10.65 -12.28
C GLU A 198 7.33 -9.31 -11.64
N SER A 199 8.50 -9.32 -11.02
CA SER A 199 8.97 -8.19 -10.22
C SER A 199 10.35 -7.77 -10.68
N PHE A 200 10.79 -6.61 -10.16
CA PHE A 200 12.12 -6.10 -10.40
C PHE A 200 12.73 -5.61 -9.10
N ASP A 201 14.06 -5.61 -9.05
CA ASP A 201 14.79 -5.20 -7.84
C ASP A 201 14.91 -3.68 -7.84
N GLY A 202 14.28 -3.04 -6.86
CA GLY A 202 14.31 -1.59 -6.77
C GLY A 202 15.13 -1.08 -5.59
N ARG A 203 15.97 -1.95 -5.02
CA ARG A 203 16.76 -1.55 -3.86
C ARG A 203 17.72 -0.41 -4.21
N ASN A 204 18.36 -0.48 -5.39
CA ASN A 204 19.27 0.58 -5.78
C ASN A 204 18.51 1.82 -6.26
N ILE A 205 17.46 1.62 -7.05
CA ILE A 205 16.66 2.75 -7.53
C ILE A 205 16.19 3.60 -6.35
N LEU A 206 15.72 2.97 -5.29
CA LEU A 206 15.21 3.72 -4.15
C LEU A 206 16.34 4.41 -3.39
N LYS A 207 17.53 3.82 -3.34
CA LYS A 207 18.61 4.44 -2.59
C LYS A 207 19.16 5.66 -3.33
N LEU A 208 19.05 5.70 -4.66
CA LEU A 208 19.56 6.81 -5.45
C LEU A 208 18.50 7.85 -5.76
N PHE A 209 17.25 7.42 -5.98
CA PHE A 209 16.21 8.29 -6.50
C PHE A 209 15.03 8.43 -5.56
N GLU A 210 15.21 8.20 -4.26
CA GLU A 210 14.09 8.22 -3.33
C GLU A 210 13.31 9.53 -3.44
N ASN A 211 14.03 10.66 -3.51
CA ASN A 211 13.41 11.98 -3.47
C ASN A 211 13.52 12.70 -4.81
N PHE A 212 13.50 11.96 -5.91
CA PHE A 212 13.65 12.56 -7.22
C PHE A 212 12.53 13.56 -7.47
N TYR A 213 12.89 14.72 -8.01
CA TYR A 213 11.95 15.79 -8.32
C TYR A 213 11.62 15.72 -9.80
N PHE A 214 10.38 15.36 -10.12
CA PHE A 214 9.96 15.28 -11.52
C PHE A 214 9.52 16.64 -12.03
N GLY A 215 8.73 17.36 -11.26
CA GLY A 215 8.31 18.68 -11.65
C GLY A 215 7.05 19.10 -10.91
N SER A 216 6.66 20.35 -11.17
CA SER A 216 5.46 20.94 -10.61
C SER A 216 4.45 21.17 -11.72
N LEU A 217 3.17 21.18 -11.35
CA LEU A 217 2.11 21.50 -12.29
C LEU A 217 0.93 22.07 -11.51
N LYS A 218 -0.03 22.61 -12.25
CA LYS A 218 -1.24 23.20 -11.68
C LYS A 218 -2.41 22.31 -12.08
N LEU A 219 -2.89 21.50 -11.14
CA LEU A 219 -4.03 20.64 -11.40
C LEU A 219 -5.29 21.48 -11.57
N ASN A 220 -5.98 21.30 -12.69
CA ASN A 220 -7.15 22.10 -13.00
C ASN A 220 -8.31 21.31 -13.58
N SER A 221 -8.16 20.01 -13.78
CA SER A 221 -9.20 19.25 -14.48
C SER A 221 -9.25 17.82 -13.97
N ILE A 222 -10.46 17.28 -13.89
CA ILE A 222 -10.71 15.86 -13.70
C ILE A 222 -11.29 15.34 -15.01
N HIS A 223 -10.64 14.33 -15.59
CA HIS A 223 -11.03 13.81 -16.88
C HIS A 223 -11.64 12.41 -16.73
N ILE A 224 -12.57 12.10 -17.64
CA ILE A 224 -12.98 10.72 -17.89
C ILE A 224 -12.13 10.20 -19.04
N SER A 225 -11.50 9.05 -18.84
CA SER A 225 -10.64 8.46 -19.86
C SER A 225 -10.78 6.95 -19.85
N GLN A 226 -10.18 6.31 -20.85
CA GLN A 226 -10.20 4.88 -21.00
C GLN A 226 -8.81 4.42 -21.40
N ARG A 227 -8.52 3.15 -21.11
CA ARG A 227 -7.17 2.62 -21.33
C ARG A 227 -6.75 2.73 -22.79
N PHE A 228 -7.70 2.63 -23.72
CA PHE A 228 -7.40 2.63 -25.14
C PHE A 228 -7.90 3.88 -25.87
N THR A 229 -8.66 4.75 -25.20
CA THR A 229 -9.12 5.99 -25.81
C THR A 229 -7.96 6.98 -25.79
N VAL A 230 -7.18 6.98 -26.86
CA VAL A 230 -5.99 7.82 -26.98
C VAL A 230 -6.11 8.67 -28.24
N ASP A 231 -5.25 9.70 -28.32
CA ASP A 231 -5.13 10.53 -29.50
C ASP A 231 -4.05 9.95 -30.39
N SER A 232 -3.66 10.69 -31.44
CA SER A 232 -2.73 10.17 -32.42
C SER A 232 -1.30 10.05 -31.90
N PHE A 233 -0.98 10.66 -30.76
CA PHE A 233 0.36 10.57 -30.19
C PHE A 233 0.45 9.62 -29.01
N GLY A 234 -0.68 9.12 -28.50
CA GLY A 234 -0.70 8.24 -27.36
C GLY A 234 -1.19 8.87 -26.08
N ASN A 235 -1.42 10.18 -26.07
CA ASN A 235 -2.00 10.81 -24.88
C ASN A 235 -3.38 10.22 -24.61
N TYR A 236 -3.87 10.45 -23.40
CA TYR A 236 -5.26 10.14 -23.08
C TYR A 236 -6.16 11.22 -23.65
N ALA A 237 -7.29 10.79 -24.21
CA ALA A 237 -8.30 11.70 -24.73
C ALA A 237 -9.45 11.78 -23.73
N SER A 238 -9.81 13.00 -23.35
CA SER A 238 -10.89 13.19 -22.38
C SER A 238 -12.23 12.83 -23.00
N CYS A 239 -13.04 12.09 -22.23
CA CYS A 239 -14.43 11.83 -22.57
C CYS A 239 -15.37 12.77 -21.84
N GLY A 240 -14.85 13.85 -21.27
CA GLY A 240 -15.63 14.78 -20.47
C GLY A 240 -14.80 15.17 -19.26
N GLN A 241 -15.01 16.39 -18.78
CA GLN A 241 -14.18 16.90 -17.69
C GLN A 241 -14.85 18.12 -17.05
N ILE A 242 -14.42 18.40 -15.81
CA ILE A 242 -14.75 19.62 -15.11
C ILE A 242 -13.46 20.40 -14.90
N ASP A 243 -13.60 21.71 -14.72
CA ASP A 243 -12.47 22.61 -14.54
C ASP A 243 -12.62 23.36 -13.22
N PHE A 244 -11.49 23.49 -12.51
CA PHE A 244 -11.54 24.14 -11.21
C PHE A 244 -11.64 25.66 -11.33
N SER A 245 -11.14 26.22 -12.43
CA SER A 245 -11.10 27.67 -12.60
C SER A 245 -11.67 28.07 -13.97
N HIS B 20 20.56 -10.40 4.99
CA HIS B 20 19.63 -11.47 5.35
C HIS B 20 19.19 -11.30 6.81
N MET B 21 17.98 -10.78 7.02
CA MET B 21 17.48 -10.53 8.36
C MET B 21 17.65 -11.74 9.27
N THR B 22 18.33 -11.54 10.40
CA THR B 22 18.50 -12.57 11.42
C THR B 22 17.57 -12.40 12.62
N HIS B 23 17.09 -11.17 12.88
CA HIS B 23 16.18 -10.87 13.97
C HIS B 23 15.16 -9.86 13.50
N PHE B 24 14.11 -9.66 14.30
CA PHE B 24 13.13 -8.61 14.03
C PHE B 24 12.53 -8.14 15.34
N LEU B 25 12.21 -6.84 15.38
CA LEU B 25 11.50 -6.24 16.50
C LEU B 25 10.00 -6.33 16.23
N ALA B 26 9.24 -6.72 17.26
CA ALA B 26 7.82 -6.94 17.04
C ALA B 26 7.05 -6.84 18.35
N PHE B 27 5.75 -6.55 18.21
CA PHE B 27 4.79 -6.78 19.27
C PHE B 27 4.26 -8.20 19.14
N PHE B 28 4.17 -8.90 20.28
CA PHE B 28 3.50 -10.19 20.32
C PHE B 28 2.00 -9.95 20.53
N LEU B 29 1.20 -10.34 19.55
CA LEU B 29 -0.25 -10.16 19.60
C LEU B 29 -0.98 -11.48 19.81
N ASN B 30 -0.32 -12.47 20.40
CA ASN B 30 -0.91 -13.80 20.56
C ASN B 30 -1.59 -13.97 21.91
N GLU B 31 -2.31 -12.96 22.39
CA GLU B 31 -3.20 -13.16 23.52
C GLU B 31 -4.25 -14.21 23.17
N VAL B 32 -4.67 -14.98 24.17
CA VAL B 32 -5.59 -16.08 23.91
C VAL B 32 -6.88 -15.57 23.29
N GLU B 33 -7.34 -14.39 23.71
CA GLU B 33 -8.56 -13.83 23.12
C GLU B 33 -8.38 -13.60 21.62
N VAL B 34 -7.26 -12.98 21.24
CA VAL B 34 -7.04 -12.65 19.84
C VAL B 34 -6.84 -13.92 19.01
N GLN B 35 -6.15 -14.92 19.58
CA GLN B 35 -6.02 -16.19 18.88
C GLN B 35 -7.38 -16.81 18.61
N GLU B 36 -8.29 -16.75 19.58
CA GLU B 36 -9.63 -17.30 19.38
C GLU B 36 -10.34 -16.58 18.25
N GLY B 37 -10.23 -15.24 18.20
CA GLY B 37 -10.78 -14.50 17.08
C GLY B 37 -10.15 -14.91 15.76
N PHE B 38 -8.83 -15.11 15.77
CA PHE B 38 -8.14 -15.51 14.55
C PHE B 38 -8.61 -16.87 14.07
N LEU B 39 -8.79 -17.82 15.00
CA LEU B 39 -9.29 -19.14 14.61
C LEU B 39 -10.71 -19.04 14.07
N ARG B 40 -11.53 -18.15 14.63
CA ARG B 40 -12.84 -17.88 14.06
CA ARG B 40 -12.84 -17.89 14.06
C ARG B 40 -12.71 -17.40 12.61
N PHE B 41 -11.85 -16.42 12.39
CA PHE B 41 -11.63 -15.90 11.05
C PHE B 41 -11.20 -17.01 10.09
N GLN B 42 -10.29 -17.87 10.53
CA GLN B 42 -9.76 -18.91 9.64
C GLN B 42 -10.84 -19.91 9.25
N GLU B 43 -11.63 -20.37 10.24
CA GLU B 43 -12.65 -21.37 9.95
C GLU B 43 -13.78 -20.79 9.10
N GLU B 44 -14.12 -19.51 9.31
CA GLU B 44 -15.17 -18.89 8.52
C GLU B 44 -14.73 -18.64 7.09
N VAL B 45 -13.47 -18.23 6.90
CA VAL B 45 -12.95 -18.05 5.54
C VAL B 45 -12.97 -19.37 4.79
N LEU B 46 -12.41 -20.43 5.40
CA LEU B 46 -12.38 -21.73 4.75
C LEU B 46 -13.76 -22.33 4.59
N ALA B 47 -14.76 -21.81 5.29
CA ALA B 47 -16.12 -22.29 5.11
C ALA B 47 -16.80 -21.65 3.91
N LYS B 48 -16.44 -20.40 3.59
CA LYS B 48 -17.12 -19.63 2.57
C LYS B 48 -16.27 -19.34 1.35
N CYS B 49 -14.95 -19.57 1.41
CA CYS B 49 -14.07 -19.14 0.33
C CYS B 49 -13.00 -20.16 -0.05
N SER B 50 -13.11 -21.41 0.42
CA SER B 50 -12.16 -22.43 -0.02
C SER B 50 -12.34 -22.77 -1.50
N MET B 51 -13.47 -22.39 -2.10
CA MET B 51 -13.65 -22.60 -3.53
C MET B 51 -12.78 -21.65 -4.37
N ASP B 52 -12.30 -20.56 -3.77
CA ASP B 52 -11.57 -19.55 -4.52
C ASP B 52 -10.13 -19.98 -4.81
N HIS B 53 -9.51 -19.28 -5.73
CA HIS B 53 -8.17 -19.65 -6.19
C HIS B 53 -7.14 -19.48 -5.08
N GLY B 54 -6.26 -20.47 -4.95
CA GLY B 54 -5.15 -20.41 -4.02
C GLY B 54 -5.51 -20.42 -2.55
N VAL B 55 -6.80 -20.43 -2.20
CA VAL B 55 -7.23 -20.34 -0.81
C VAL B 55 -7.33 -21.74 -0.22
N ASP B 56 -6.52 -22.00 0.80
CA ASP B 56 -6.60 -23.22 1.58
C ASP B 56 -6.01 -22.93 2.96
N SER B 57 -5.94 -23.96 3.80
CA SER B 57 -5.54 -23.77 5.19
C SER B 57 -4.06 -23.48 5.34
N SER B 58 -3.23 -23.86 4.36
CA SER B 58 -1.79 -23.79 4.52
C SER B 58 -1.22 -22.39 4.40
N ILE B 59 -1.98 -21.42 3.89
CA ILE B 59 -1.49 -20.05 3.75
C ILE B 59 -1.89 -19.17 4.91
N PHE B 60 -2.52 -19.74 5.95
CA PHE B 60 -2.89 -18.98 7.13
C PHE B 60 -1.74 -18.92 8.12
N GLN B 61 -1.70 -17.82 8.88
CA GLN B 61 -0.67 -17.64 9.89
C GLN B 61 -0.93 -18.57 11.07
N ASN B 62 0.14 -18.93 11.77
CA ASN B 62 0.02 -19.69 13.01
C ASN B 62 -0.50 -18.74 14.09
N PRO B 63 -1.67 -19.01 14.70
CA PRO B 63 -2.20 -18.03 15.67
C PRO B 63 -1.27 -17.73 16.82
N LYS B 64 -0.38 -18.66 17.16
CA LYS B 64 0.59 -18.43 18.24
C LYS B 64 1.72 -17.50 17.82
N LYS B 65 1.75 -17.09 16.55
CA LYS B 65 2.79 -16.22 16.02
C LYS B 65 2.28 -14.85 15.59
N LEU B 66 0.99 -14.57 15.77
CA LEU B 66 0.45 -13.27 15.41
C LEU B 66 1.30 -12.16 16.03
N HIS B 67 1.81 -11.27 15.20
CA HIS B 67 2.74 -10.25 15.67
C HIS B 67 2.71 -9.05 14.73
N LEU B 68 3.28 -7.95 15.20
CA LEU B 68 3.35 -6.69 14.47
C LEU B 68 4.83 -6.34 14.35
N THR B 69 5.40 -6.52 13.15
CA THR B 69 6.82 -6.30 12.95
C THR B 69 7.11 -4.80 12.86
N ILE B 70 8.13 -4.36 13.60
CA ILE B 70 8.51 -2.94 13.63
C ILE B 70 9.74 -2.74 12.75
N GLY B 71 10.59 -3.76 12.65
CA GLY B 71 11.82 -3.63 11.89
C GLY B 71 12.63 -4.89 11.78
N MET B 72 13.43 -4.99 10.71
CA MET B 72 14.20 -6.19 10.39
C MET B 72 15.67 -5.95 10.71
N LEU B 73 16.24 -6.78 11.57
CA LEU B 73 17.59 -6.61 12.05
C LEU B 73 18.51 -7.69 11.51
N VAL B 74 19.79 -7.34 11.38
CA VAL B 74 20.83 -8.29 11.00
C VAL B 74 21.83 -8.32 12.16
N LEU B 75 21.59 -9.20 13.12
CA LEU B 75 22.50 -9.41 14.24
C LEU B 75 23.29 -10.70 14.01
N LEU B 76 24.58 -10.67 14.34
CA LEU B 76 25.45 -11.80 14.05
C LEU B 76 26.32 -12.24 15.23
N SER B 77 26.40 -11.48 16.31
CA SER B 77 27.25 -11.82 17.43
C SER B 77 26.55 -11.50 18.73
N GLU B 78 27.08 -12.08 19.82
CA GLU B 78 26.51 -11.87 21.14
C GLU B 78 26.36 -10.39 21.48
N GLU B 79 27.24 -9.54 20.95
CA GLU B 79 27.23 -8.14 21.32
C GLU B 79 26.18 -7.35 20.53
N GLU B 80 25.85 -7.81 19.33
CA GLU B 80 24.80 -7.14 18.55
C GLU B 80 23.43 -7.33 19.20
N ILE B 81 23.25 -8.38 20.00
CA ILE B 81 22.02 -8.57 20.77
C ILE B 81 21.95 -7.50 21.86
N GLN B 82 22.86 -7.61 22.83
CA GLN B 82 22.91 -6.65 23.93
C GLN B 82 22.89 -5.22 23.41
N GLN B 83 23.58 -4.96 22.30
CA GLN B 83 23.59 -3.62 21.73
C GLN B 83 22.19 -3.19 21.31
N THR B 84 21.41 -4.12 20.73
CA THR B 84 20.03 -3.81 20.39
C THR B 84 19.20 -3.54 21.63
N CYS B 85 19.40 -4.34 22.68
CA CYS B 85 18.68 -4.10 23.94
C CYS B 85 19.03 -2.73 24.53
N GLU B 86 20.27 -2.28 24.34
CA GLU B 86 20.66 -0.98 24.87
C GLU B 86 19.94 0.15 24.14
N MET B 87 19.70 0.00 22.83
CA MET B 87 18.97 1.04 22.11
C MET B 87 17.50 1.04 22.50
N LEU B 88 16.91 -0.13 22.71
CA LEU B 88 15.51 -0.18 23.14
C LEU B 88 15.32 0.57 24.45
N GLN B 89 16.21 0.31 25.42
CA GLN B 89 16.17 1.08 26.65
C GLN B 89 16.38 2.57 26.38
N GLN B 90 17.22 2.89 25.40
CA GLN B 90 17.39 4.28 24.99
C GLN B 90 16.07 4.87 24.49
N CYS B 91 15.31 4.09 23.72
CA CYS B 91 14.02 4.58 23.24
C CYS B 91 13.02 4.74 24.39
N LYS B 92 13.07 3.82 25.36
CA LYS B 92 12.19 3.94 26.52
C LYS B 92 12.39 5.28 27.21
N GLU B 93 13.65 5.66 27.42
CA GLU B 93 13.94 6.90 28.14
C GLU B 93 13.65 8.12 27.29
N GLU B 94 14.02 8.09 26.01
CA GLU B 94 13.97 9.29 25.19
C GLU B 94 12.54 9.68 24.85
N PHE B 95 11.70 8.73 24.46
CA PHE B 95 10.38 9.11 23.98
C PHE B 95 9.23 8.14 24.27
N ILE B 96 9.52 6.86 24.49
CA ILE B 96 8.41 5.92 24.71
C ILE B 96 7.71 6.22 26.02
N ASN B 97 8.45 6.63 27.05
CA ASN B 97 7.82 6.97 28.32
C ASN B 97 6.89 8.16 28.17
N ASP B 98 7.27 9.14 27.35
CA ASP B 98 6.38 10.25 27.05
C ASP B 98 5.12 9.78 26.34
N ILE B 99 5.25 8.79 25.47
CA ILE B 99 4.11 8.34 24.66
C ILE B 99 3.24 7.38 25.45
N SER B 100 3.85 6.46 26.19
CA SER B 100 3.07 5.47 26.92
C SER B 100 2.50 6.03 28.21
N GLY B 101 3.26 6.89 28.89
CA GLY B 101 2.86 7.35 30.20
C GLY B 101 2.97 6.30 31.28
N GLY B 102 3.86 5.32 31.08
CA GLY B 102 3.98 4.24 32.03
C GLY B 102 2.84 3.24 32.02
N LYS B 103 1.91 3.39 31.09
CA LYS B 103 0.79 2.47 30.92
C LYS B 103 0.84 1.85 29.53
N PRO B 104 0.32 0.63 29.36
CA PRO B 104 0.31 0.04 28.02
C PRO B 104 -0.54 0.85 27.05
N LEU B 105 -0.60 0.40 25.80
CA LEU B 105 -1.39 1.04 24.76
C LEU B 105 -2.59 0.14 24.46
N GLU B 106 -3.79 0.59 24.82
CA GLU B 106 -4.98 -0.20 24.56
C GLU B 106 -5.28 -0.20 23.07
N VAL B 107 -5.51 -1.40 22.53
CA VAL B 107 -5.46 -1.64 21.09
C VAL B 107 -6.53 -2.65 20.69
N GLU B 108 -6.96 -2.55 19.44
CA GLU B 108 -7.86 -3.53 18.85
C GLU B 108 -7.27 -4.04 17.55
N MET B 109 -7.52 -5.31 17.28
CA MET B 109 -7.20 -5.96 16.00
C MET B 109 -8.53 -6.15 15.29
N ALA B 110 -8.79 -5.31 14.29
CA ALA B 110 -10.09 -5.31 13.63
C ALA B 110 -9.91 -4.86 12.18
N GLY B 111 -10.41 -5.67 11.26
CA GLY B 111 -10.36 -5.33 9.85
C GLY B 111 -9.15 -5.93 9.16
N ILE B 112 -9.34 -6.26 7.88
CA ILE B 112 -8.28 -6.83 7.06
C ILE B 112 -7.99 -5.87 5.91
N GLU B 113 -6.84 -6.06 5.29
CA GLU B 113 -6.44 -5.21 4.17
C GLU B 113 -5.35 -5.92 3.37
N TYR B 114 -5.22 -5.50 2.10
CA TYR B 114 -4.12 -5.91 1.25
C TYR B 114 -3.43 -4.66 0.72
N MET B 115 -2.18 -4.81 0.31
CA MET B 115 -1.36 -3.69 -0.11
C MET B 115 -1.22 -3.56 -1.63
N ASN B 116 -1.39 -4.65 -2.38
CA ASN B 116 -1.18 -4.62 -3.82
C ASN B 116 -2.38 -3.95 -4.51
N ASP B 117 -2.39 -3.97 -5.84
CA ASP B 117 -3.39 -3.24 -6.62
C ASP B 117 -4.43 -4.14 -7.25
N ASP B 118 -4.50 -5.41 -6.86
CA ASP B 118 -5.49 -6.32 -7.43
C ASP B 118 -5.98 -7.27 -6.35
N PRO B 119 -7.20 -7.10 -5.83
CA PRO B 119 -7.67 -8.00 -4.78
C PRO B 119 -7.82 -9.44 -5.23
N GLY B 120 -7.85 -9.69 -6.54
CA GLY B 120 -7.94 -11.05 -7.05
C GLY B 120 -6.62 -11.80 -7.12
N MET B 121 -5.51 -11.11 -6.92
CA MET B 121 -4.18 -11.72 -6.90
C MET B 121 -3.43 -11.18 -5.68
N VAL B 122 -3.85 -11.62 -4.50
CA VAL B 122 -3.23 -11.23 -3.25
C VAL B 122 -2.16 -12.25 -2.88
N ASP B 123 -1.04 -11.77 -2.36
CA ASP B 123 0.02 -12.62 -1.81
C ASP B 123 0.09 -12.57 -0.30
N VAL B 124 -0.32 -11.46 0.32
CA VAL B 124 -0.33 -11.33 1.77
C VAL B 124 -1.57 -10.53 2.17
N LEU B 125 -2.26 -11.00 3.22
CA LEU B 125 -3.38 -10.30 3.82
C LEU B 125 -3.04 -9.96 5.26
N TYR B 126 -3.39 -8.76 5.69
CA TYR B 126 -3.05 -8.26 7.01
C TYR B 126 -4.31 -7.96 7.81
N ALA B 127 -4.15 -7.90 9.12
CA ALA B 127 -5.20 -7.49 10.04
C ALA B 127 -4.81 -6.15 10.65
N LYS B 128 -5.67 -5.15 10.49
CA LYS B 128 -5.34 -3.81 10.95
C LYS B 128 -5.28 -3.76 12.48
N VAL B 129 -4.39 -2.92 12.99
CA VAL B 129 -4.22 -2.67 14.41
C VAL B 129 -4.33 -1.18 14.65
N HIS B 130 -5.23 -0.76 15.55
CA HIS B 130 -5.49 0.64 15.78
C HIS B 130 -5.73 0.89 17.26
N MET B 131 -5.47 2.13 17.67
CA MET B 131 -5.68 2.55 19.05
C MET B 131 -7.17 2.50 19.41
N LYS B 132 -7.46 2.08 20.64
CA LYS B 132 -8.84 2.15 21.11
C LYS B 132 -9.29 3.60 21.26
N ASP B 133 -8.40 4.47 21.73
CA ASP B 133 -8.71 5.89 21.89
C ASP B 133 -8.53 6.69 20.61
N GLY B 134 -8.35 6.03 19.47
CA GLY B 134 -8.30 6.74 18.20
C GLY B 134 -7.18 7.73 18.04
N SER B 135 -6.15 7.65 18.88
CA SER B 135 -5.01 8.56 18.77
C SER B 135 -3.92 7.93 17.89
N ASN B 136 -2.85 8.69 17.68
CA ASN B 136 -1.75 8.26 16.83
C ASN B 136 -0.55 7.76 17.64
N ARG B 137 -0.68 7.64 18.95
CA ARG B 137 0.47 7.34 19.79
C ARG B 137 1.19 6.06 19.34
N LEU B 138 0.43 5.03 18.94
CA LEU B 138 1.07 3.80 18.51
C LEU B 138 1.91 4.02 17.24
N GLN B 139 1.33 4.72 16.26
CA GLN B 139 2.08 5.00 15.04
C GLN B 139 3.33 5.81 15.32
N GLU B 140 3.20 6.86 16.14
CA GLU B 140 4.35 7.69 16.46
C GLU B 140 5.37 6.93 17.31
N LEU B 141 4.90 5.95 18.09
CA LEU B 141 5.83 5.14 18.88
C LEU B 141 6.69 4.27 18.00
N VAL B 142 6.07 3.48 17.12
CA VAL B 142 6.82 2.55 16.28
C VAL B 142 7.68 3.29 15.27
N ASP B 143 7.26 4.48 14.84
CA ASP B 143 8.03 5.21 13.84
C ASP B 143 9.31 5.78 14.45
N ARG B 144 9.22 6.38 15.63
CA ARG B 144 10.41 6.89 16.29
C ARG B 144 11.37 5.77 16.68
N VAL B 145 10.89 4.53 16.74
CA VAL B 145 11.77 3.40 17.05
C VAL B 145 12.61 3.04 15.82
N LEU B 146 11.98 2.94 14.65
CA LEU B 146 12.73 2.73 13.43
C LEU B 146 13.74 3.85 13.21
N GLU B 147 13.32 5.10 13.45
CA GLU B 147 14.20 6.24 13.23
C GLU B 147 15.51 6.08 14.02
N ARG B 148 15.41 5.62 15.27
CA ARG B 148 16.62 5.42 16.06
C ARG B 148 17.48 4.29 15.49
N PHE B 149 16.84 3.17 15.12
CA PHE B 149 17.60 2.01 14.66
C PHE B 149 18.12 2.19 13.24
N GLN B 150 17.38 2.90 12.39
CA GLN B 150 17.91 3.22 11.06
C GLN B 150 19.19 4.05 11.16
N ALA B 151 19.32 4.84 12.23
CA ALA B 151 20.52 5.63 12.44
C ALA B 151 21.70 4.79 12.90
N SER B 152 21.46 3.63 13.51
CA SER B 152 22.53 2.81 14.06
C SER B 152 23.13 1.85 13.04
N GLY B 153 22.55 1.74 11.85
CA GLY B 153 23.07 0.82 10.85
C GLY B 153 22.89 -0.64 11.21
N LEU B 154 21.82 -0.98 11.93
CA LEU B 154 21.51 -2.37 12.26
C LEU B 154 20.35 -2.93 11.46
N ILE B 155 19.39 -2.09 11.08
CA ILE B 155 18.16 -2.54 10.46
C ILE B 155 18.39 -2.69 8.95
N VAL B 156 17.61 -3.60 8.35
CA VAL B 156 17.53 -3.68 6.89
C VAL B 156 16.72 -2.47 6.42
N LYS B 157 17.35 -1.63 5.59
CA LYS B 157 16.79 -0.33 5.25
C LYS B 157 15.33 -0.44 4.81
N GLU B 158 14.43 0.06 5.65
CA GLU B 158 12.99 0.00 5.44
C GLU B 158 12.55 1.32 4.82
N TRP B 159 12.21 1.29 3.53
CA TRP B 159 11.90 2.54 2.82
C TRP B 159 10.52 3.06 3.21
N ASN B 160 9.55 2.18 3.38
CA ASN B 160 8.24 2.59 3.83
C ASN B 160 8.25 2.85 5.34
N SER B 161 7.14 3.36 5.85
CA SER B 161 6.99 3.50 7.28
C SER B 161 6.48 2.19 7.89
N VAL B 162 6.56 2.09 9.21
CA VAL B 162 5.93 0.95 9.88
C VAL B 162 4.43 1.01 9.65
N LYS B 163 3.86 -0.11 9.27
CA LYS B 163 2.42 -0.22 9.05
C LYS B 163 1.82 -1.01 10.22
N LEU B 164 0.73 -0.48 10.79
CA LEU B 164 0.14 -1.07 11.99
C LEU B 164 -0.85 -2.16 11.57
N HIS B 165 -0.29 -3.32 11.23
CA HIS B 165 -1.11 -4.48 10.91
C HIS B 165 -0.28 -5.74 11.13
N ALA B 166 -0.98 -6.87 11.23
CA ALA B 166 -0.36 -8.16 11.50
C ALA B 166 -0.76 -9.14 10.42
N THR B 167 0.21 -9.90 9.93
CA THR B 167 -0.06 -10.89 8.89
C THR B 167 -1.01 -11.96 9.40
N VAL B 168 -1.96 -12.35 8.55
CA VAL B 168 -2.91 -13.40 8.87
C VAL B 168 -2.89 -14.47 7.79
N MET B 169 -2.58 -14.07 6.56
CA MET B 169 -2.48 -15.00 5.44
C MET B 169 -1.27 -14.64 4.59
N ASN B 170 -0.53 -15.66 4.15
CA ASN B 170 0.62 -15.46 3.30
C ASN B 170 0.87 -16.74 2.50
N THR B 171 0.99 -16.60 1.18
CA THR B 171 1.26 -17.76 0.33
C THR B 171 2.64 -18.34 0.58
N LEU B 172 3.54 -17.58 1.21
CA LEU B 172 4.83 -18.13 1.59
C LEU B 172 4.69 -19.23 2.63
N PHE B 173 3.67 -19.16 3.49
CA PHE B 173 3.47 -20.17 4.52
C PHE B 173 3.25 -21.56 3.93
N ARG B 174 2.99 -21.68 2.63
CA ARG B 174 2.84 -23.00 2.03
C ARG B 174 4.16 -23.77 2.05
N LYS B 175 5.29 -23.04 2.04
CA LYS B 175 6.61 -23.65 2.01
C LYS B 175 7.48 -23.29 3.21
N ASP B 176 7.18 -22.20 3.90
CA ASP B 176 7.94 -21.77 5.08
C ASP B 176 6.96 -21.29 6.14
N PRO B 177 6.41 -22.21 6.95
CA PRO B 177 5.48 -21.83 8.01
C PRO B 177 6.15 -20.99 9.09
N LYS B 195 11.14 -18.20 -7.91
CA LYS B 195 11.23 -16.99 -7.09
C LYS B 195 9.94 -16.18 -7.22
N GLU B 196 9.32 -16.23 -8.39
CA GLU B 196 8.04 -15.56 -8.61
C GLU B 196 7.01 -16.12 -7.64
N ARG B 197 6.43 -15.24 -6.82
CA ARG B 197 5.55 -15.68 -5.75
C ARG B 197 4.17 -16.05 -6.30
N GLU B 198 3.41 -16.77 -5.48
CA GLU B 198 2.07 -17.23 -5.80
C GLU B 198 1.06 -16.36 -5.06
N SER B 199 -0.18 -16.37 -5.54
CA SER B 199 -1.21 -15.51 -4.98
C SER B 199 -2.50 -16.30 -4.80
N PHE B 200 -3.44 -15.70 -4.08
CA PHE B 200 -4.77 -16.26 -3.87
C PHE B 200 -5.80 -15.16 -4.10
N ASP B 201 -7.03 -15.58 -4.41
CA ASP B 201 -8.11 -14.65 -4.72
C ASP B 201 -8.80 -14.23 -3.42
N GLY B 202 -8.62 -12.96 -3.04
CA GLY B 202 -9.20 -12.46 -1.83
C GLY B 202 -10.40 -11.55 -2.05
N ARG B 203 -11.05 -11.70 -3.21
CA ARG B 203 -12.20 -10.86 -3.52
C ARG B 203 -13.39 -11.20 -2.62
N ASN B 204 -13.69 -12.48 -2.47
CA ASN B 204 -14.76 -12.89 -1.57
C ASN B 204 -14.38 -12.62 -0.12
N ILE B 205 -13.15 -12.99 0.25
CA ILE B 205 -12.69 -12.81 1.63
C ILE B 205 -12.95 -11.37 2.09
N LEU B 206 -12.58 -10.40 1.25
CA LEU B 206 -12.77 -9.01 1.61
C LEU B 206 -14.26 -8.66 1.67
N LYS B 207 -15.03 -9.11 0.68
CA LYS B 207 -16.47 -8.84 0.70
C LYS B 207 -17.11 -9.31 1.99
N LEU B 208 -16.66 -10.44 2.52
CA LEU B 208 -17.32 -11.05 3.67
C LEU B 208 -16.72 -10.63 5.01
N PHE B 209 -15.40 -10.38 5.07
CA PHE B 209 -14.72 -10.19 6.35
C PHE B 209 -13.91 -8.90 6.37
N GLU B 210 -14.33 -7.87 5.61
CA GLU B 210 -13.53 -6.65 5.55
C GLU B 210 -13.30 -6.06 6.93
N ASN B 211 -14.30 -6.14 7.81
CA ASN B 211 -14.24 -5.53 9.13
C ASN B 211 -14.31 -6.58 10.24
N PHE B 212 -13.73 -7.76 10.01
CA PHE B 212 -13.72 -8.80 11.02
C PHE B 212 -12.98 -8.35 12.27
N TYR B 213 -13.62 -8.51 13.42
CA TYR B 213 -13.02 -8.13 14.70
C TYR B 213 -12.27 -9.33 15.27
N PHE B 214 -10.95 -9.19 15.40
CA PHE B 214 -10.12 -10.26 15.93
C PHE B 214 -10.01 -10.22 17.46
N GLY B 215 -9.94 -9.04 18.03
CA GLY B 215 -9.87 -8.91 19.47
C GLY B 215 -9.18 -7.62 19.88
N SER B 216 -9.03 -7.46 21.19
CA SER B 216 -8.34 -6.32 21.78
C SER B 216 -7.28 -6.83 22.75
N LEU B 217 -6.29 -5.99 23.03
CA LEU B 217 -5.21 -6.36 23.91
C LEU B 217 -4.43 -5.11 24.32
N LYS B 218 -3.57 -5.28 25.32
CA LYS B 218 -2.74 -4.19 25.85
C LYS B 218 -1.30 -4.41 25.40
N LEU B 219 -0.82 -3.55 24.51
CA LEU B 219 0.56 -3.63 24.05
C LEU B 219 1.48 -3.03 25.10
N ASN B 220 2.41 -3.84 25.61
CA ASN B 220 3.28 -3.41 26.70
C ASN B 220 4.76 -3.70 26.47
N SER B 221 5.13 -4.37 25.39
CA SER B 221 6.51 -4.76 25.19
C SER B 221 6.85 -4.77 23.71
N ILE B 222 8.13 -4.52 23.41
CA ILE B 222 8.70 -4.69 22.09
C ILE B 222 9.80 -5.74 22.21
N HIS B 223 9.66 -6.83 21.44
CA HIS B 223 10.52 -7.99 21.59
C HIS B 223 11.58 -8.05 20.50
N ILE B 224 12.74 -8.57 20.86
CA ILE B 224 13.72 -9.08 19.90
C ILE B 224 13.40 -10.56 19.69
N SER B 225 13.23 -10.96 18.43
CA SER B 225 12.84 -12.33 18.13
C SER B 225 13.58 -12.82 16.90
N GLN B 226 13.44 -14.13 16.65
CA GLN B 226 13.94 -14.76 15.44
C GLN B 226 12.87 -15.70 14.89
N ARG B 227 12.91 -15.91 13.58
CA ARG B 227 11.89 -16.71 12.92
C ARG B 227 11.81 -18.12 13.52
N PHE B 228 12.96 -18.73 13.82
CA PHE B 228 13.00 -20.09 14.35
C PHE B 228 13.17 -20.16 15.86
N THR B 229 13.36 -19.03 16.53
CA THR B 229 13.51 -19.00 17.98
C THR B 229 12.12 -19.08 18.61
N VAL B 230 11.67 -20.31 18.87
CA VAL B 230 10.33 -20.56 19.38
C VAL B 230 10.42 -21.41 20.64
N ASP B 231 9.32 -21.46 21.38
CA ASP B 231 9.22 -22.29 22.58
C ASP B 231 8.60 -23.64 22.20
N SER B 232 8.24 -24.44 23.20
CA SER B 232 7.75 -25.79 22.95
C SER B 232 6.30 -25.82 22.49
N PHE B 233 5.62 -24.67 22.45
CA PHE B 233 4.27 -24.58 21.90
C PHE B 233 4.23 -23.89 20.55
N GLY B 234 5.37 -23.36 20.06
CA GLY B 234 5.42 -22.69 18.78
C GLY B 234 5.39 -21.17 18.86
N ASN B 235 5.29 -20.59 20.04
CA ASN B 235 5.33 -19.14 20.16
C ASN B 235 6.73 -18.63 19.86
N TYR B 236 6.80 -17.39 19.37
CA TYR B 236 8.07 -16.70 19.30
C TYR B 236 8.57 -16.44 20.72
N ALA B 237 9.80 -16.86 21.01
CA ALA B 237 10.42 -16.65 22.30
C ALA B 237 11.33 -15.44 22.24
N SER B 238 11.11 -14.48 23.13
CA SER B 238 11.85 -13.23 23.09
C SER B 238 13.32 -13.47 23.43
N CYS B 239 14.20 -12.79 22.69
CA CYS B 239 15.63 -12.77 22.97
C CYS B 239 16.05 -11.47 23.63
N GLY B 240 15.12 -10.79 24.32
CA GLY B 240 15.36 -9.47 24.85
C GLY B 240 14.20 -8.55 24.53
N GLN B 241 13.80 -7.73 25.49
CA GLN B 241 12.60 -6.92 25.32
C GLN B 241 12.68 -5.70 26.22
N ILE B 242 11.88 -4.70 25.89
CA ILE B 242 11.64 -3.56 26.76
C ILE B 242 10.15 -3.50 27.05
N ASP B 243 9.82 -3.17 28.30
CA ASP B 243 8.45 -3.15 28.79
C ASP B 243 8.03 -1.73 29.08
N PHE B 244 6.81 -1.37 28.67
CA PHE B 244 6.33 -0.01 28.90
C PHE B 244 5.94 0.21 30.36
N SER B 245 5.52 -0.83 31.06
CA SER B 245 5.09 -0.72 32.44
C SER B 245 5.85 -1.70 33.33
#